data_4LAW
#
_entry.id   4LAW
#
_cell.length_a   47.660
_cell.length_b   42.699
_cell.length_c   116.883
_cell.angle_alpha   90.000
_cell.angle_beta   92.410
_cell.angle_gamma   90.000
#
_symmetry.space_group_name_H-M   'P 1 21 1'
#
loop_
_entity.id
_entity.type
_entity.pdbx_description
1 polymer 'Peptidyl-prolyl cis-trans isomerase FKBP4'
2 non-polymer 'DIMETHYL SULFOXIDE'
3 water water
#
_entity_poly.entity_id   1
_entity_poly.type   'polypeptide(L)'
_entity_poly.pdbx_seq_one_letter_code
;GAPLPMEGVDISPKQDEGVLKVIKREGTGTEMPMIGDRVFVHYTGWLLDGTKFDSSLDRKDKFSFDLGKGEVIKAWDIAI
ATMKVGEVCHITCKPEYAYGSAGSPPKIPPNATLVFEVELFEFKGEDLTEEEDGGIIRRIQTRGEGYAKPNEGAIVEVAL
EGYYKDKLFDQRELRFEIGEGENLDLPYGLERAIQRMEKGEHSIVYLKPSYAFGSVGKEKFQIPPNAELKYELHLKSFEK
AKESWE
;
_entity_poly.pdbx_strand_id   A,B
#
loop_
_chem_comp.id
_chem_comp.type
_chem_comp.name
_chem_comp.formula
DMS non-polymer 'DIMETHYL SULFOXIDE' 'C2 H6 O S'
#
# COMPACT_ATOMS: atom_id res chain seq x y z
N GLU A 7 35.03 -1.60 -47.12
CA GLU A 7 35.71 -2.08 -45.87
C GLU A 7 34.75 -2.20 -44.68
N GLY A 8 35.19 -2.88 -43.63
CA GLY A 8 34.41 -3.00 -42.41
C GLY A 8 34.53 -4.32 -41.67
N VAL A 9 34.19 -4.30 -40.39
CA VAL A 9 34.21 -5.48 -39.54
C VAL A 9 32.84 -6.13 -39.62
N ASP A 10 32.77 -7.45 -39.39
CA ASP A 10 31.49 -8.17 -39.42
C ASP A 10 30.69 -7.96 -38.13
N ILE A 11 29.56 -7.27 -38.26
CA ILE A 11 28.68 -6.98 -37.11
C ILE A 11 27.33 -7.68 -37.21
N SER A 12 27.23 -8.68 -38.09
CA SER A 12 26.02 -9.53 -38.21
C SER A 12 25.92 -10.54 -37.06
N PRO A 13 24.69 -10.81 -36.55
CA PRO A 13 24.48 -11.75 -35.45
C PRO A 13 24.83 -13.17 -35.85
N LYS A 14 24.60 -13.51 -37.11
CA LYS A 14 24.88 -14.83 -37.64
C LYS A 14 26.37 -15.06 -37.93
N GLN A 15 27.16 -13.97 -37.88
CA GLN A 15 28.58 -13.97 -38.28
C GLN A 15 28.78 -14.54 -39.69
N ASP A 16 27.99 -14.04 -40.63
CA ASP A 16 27.98 -14.50 -42.02
C ASP A 16 28.49 -13.46 -43.03
N GLU A 17 29.14 -12.40 -42.52
CA GLU A 17 29.69 -11.28 -43.33
C GLU A 17 28.64 -10.50 -44.14
N GLY A 18 27.43 -10.36 -43.60
CA GLY A 18 26.32 -9.72 -44.33
C GLY A 18 26.10 -8.24 -44.03
N VAL A 19 26.61 -7.80 -42.88
CA VAL A 19 26.68 -6.38 -42.54
C VAL A 19 28.12 -6.13 -42.13
N LEU A 20 28.77 -5.17 -42.79
CA LEU A 20 30.14 -4.79 -42.43
C LEU A 20 30.12 -3.33 -42.07
N LYS A 21 30.88 -2.96 -41.04
CA LYS A 21 30.83 -1.61 -40.52
C LYS A 21 32.23 -0.96 -40.38
N VAL A 22 32.38 0.22 -40.98
CA VAL A 22 33.52 1.11 -40.73
C VAL A 22 32.98 2.29 -39.96
N ILE A 23 33.67 2.75 -38.93
CA ILE A 23 33.34 4.05 -38.35
C ILE A 23 34.15 5.16 -39.05
N LYS A 24 33.46 6.22 -39.46
CA LYS A 24 34.11 7.36 -40.12
C LYS A 24 34.41 8.44 -39.09
N ARG A 25 33.43 8.71 -38.24
CA ARG A 25 33.53 9.68 -37.17
C ARG A 25 32.94 9.09 -35.90
N GLU A 26 33.74 9.05 -34.83
CA GLU A 26 33.30 8.54 -33.54
C GLU A 26 32.23 9.48 -33.00
N GLY A 27 31.18 8.91 -32.42
CA GLY A 27 30.15 9.70 -31.76
C GLY A 27 30.53 9.97 -30.32
N THR A 28 29.59 10.48 -29.53
CA THR A 28 29.83 10.85 -28.12
C THR A 28 28.97 10.01 -27.15
N GLY A 29 29.30 10.06 -25.86
CA GLY A 29 28.55 9.32 -24.84
C GLY A 29 28.68 7.80 -24.97
N THR A 30 27.80 7.06 -24.30
CA THR A 30 27.85 5.58 -24.34
C THR A 30 26.57 4.91 -24.84
N GLU A 31 25.43 5.55 -24.65
CA GLU A 31 24.13 5.00 -25.04
C GLU A 31 23.94 4.80 -26.56
N MET A 32 23.35 3.67 -26.90
CA MET A 32 23.04 3.32 -28.28
C MET A 32 21.54 2.97 -28.37
N PRO A 33 20.94 3.07 -29.58
CA PRO A 33 19.50 2.79 -29.69
C PRO A 33 19.14 1.37 -29.29
N MET A 34 17.99 1.22 -28.64
CA MET A 34 17.42 -0.10 -28.33
C MET A 34 16.15 -0.31 -29.16
N ILE A 35 15.60 -1.52 -29.13
CA ILE A 35 14.32 -1.82 -29.80
C ILE A 35 13.18 -0.97 -29.23
N GLY A 36 12.38 -0.38 -30.11
CA GLY A 36 11.27 0.49 -29.71
C GLY A 36 11.58 1.98 -29.78
N ASP A 37 12.85 2.33 -29.63
CA ASP A 37 13.30 3.73 -29.64
C ASP A 37 13.11 4.33 -31.04
N ARG A 38 12.89 5.64 -31.07
CA ARG A 38 12.71 6.36 -32.33
C ARG A 38 14.04 6.99 -32.67
N VAL A 39 14.62 6.58 -33.80
CA VAL A 39 15.93 7.08 -34.23
C VAL A 39 15.79 8.10 -35.37
N PHE A 40 16.69 9.08 -35.40
CA PHE A 40 16.71 10.13 -36.42
C PHE A 40 18.06 10.10 -37.13
N VAL A 41 18.04 9.80 -38.44
CA VAL A 41 19.28 9.62 -39.20
C VAL A 41 19.26 10.44 -40.51
N HIS A 42 20.46 10.73 -41.03
CA HIS A 42 20.66 11.13 -42.42
C HIS A 42 21.50 10.05 -43.11
N TYR A 43 21.18 9.76 -44.37
CA TYR A 43 21.87 8.69 -45.09
C TYR A 43 22.05 8.94 -46.59
N THR A 44 22.90 8.14 -47.21
CA THR A 44 23.02 8.08 -48.67
C THR A 44 23.36 6.62 -48.99
N GLY A 45 22.83 6.10 -50.09
CA GLY A 45 23.12 4.74 -50.49
C GLY A 45 23.77 4.66 -51.86
N TRP A 46 24.85 3.90 -51.96
CA TRP A 46 25.50 3.64 -53.25
C TRP A 46 25.56 2.16 -53.62
N LEU A 47 25.62 1.89 -54.92
CA LEU A 47 25.90 0.54 -55.41
C LEU A 47 27.40 0.33 -55.43
N LEU A 48 27.82 -0.92 -55.66
CA LEU A 48 29.24 -1.26 -55.77
C LEU A 48 29.92 -0.65 -56.98
N ASP A 49 29.16 0.00 -57.87
CA ASP A 49 29.75 0.71 -59.00
C ASP A 49 29.83 2.23 -58.75
N GLY A 50 29.44 2.64 -57.55
CA GLY A 50 29.53 4.04 -57.13
C GLY A 50 28.27 4.87 -57.29
N THR A 51 27.25 4.29 -57.93
CA THR A 51 26.02 5.01 -58.25
C THR A 51 25.19 5.26 -56.99
N LYS A 52 24.91 6.54 -56.74
CA LYS A 52 23.97 6.93 -55.71
C LYS A 52 22.57 6.48 -56.13
N PHE A 53 21.90 5.72 -55.27
CA PHE A 53 20.54 5.24 -55.60
C PHE A 53 19.42 5.87 -54.75
N ASP A 54 19.77 6.32 -53.55
CA ASP A 54 18.80 6.95 -52.64
C ASP A 54 19.52 7.82 -51.62
N SER A 55 18.86 8.88 -51.18
CA SER A 55 19.42 9.71 -50.11
C SER A 55 18.35 10.52 -49.40
N SER A 56 18.67 10.96 -48.19
CA SER A 56 17.78 11.83 -47.41
C SER A 56 18.22 13.30 -47.40
N LEU A 57 19.43 13.58 -47.87
CA LEU A 57 20.01 14.94 -47.76
C LEU A 57 19.43 15.99 -48.72
N ASP A 58 18.72 15.53 -49.75
CA ASP A 58 17.95 16.41 -50.62
C ASP A 58 16.71 16.92 -49.89
N ARG A 59 16.29 16.15 -48.89
CA ARG A 59 15.06 16.41 -48.14
C ARG A 59 15.32 17.33 -46.98
N LYS A 60 14.34 18.19 -46.70
CA LYS A 60 14.42 19.19 -45.64
C LYS A 60 14.45 18.60 -44.22
N ASP A 61 14.09 17.32 -44.09
CA ASP A 61 13.97 16.69 -42.78
C ASP A 61 14.80 15.40 -42.68
N LYS A 62 15.05 14.96 -41.44
CA LYS A 62 15.74 13.70 -41.18
C LYS A 62 14.80 12.50 -41.31
N PHE A 63 15.34 11.40 -41.82
CA PHE A 63 14.66 10.11 -41.82
C PHE A 63 14.61 9.54 -40.39
N SER A 64 13.41 9.14 -39.96
CA SER A 64 13.21 8.57 -38.65
C SER A 64 12.30 7.34 -38.70
N PHE A 65 12.49 6.43 -37.75
CA PHE A 65 11.73 5.17 -37.72
C PHE A 65 11.96 4.50 -36.38
N ASP A 66 11.12 3.53 -36.04
CA ASP A 66 11.34 2.74 -34.83
C ASP A 66 12.33 1.60 -35.09
N LEU A 67 13.33 1.46 -34.22
CA LEU A 67 14.33 0.39 -34.35
C LEU A 67 13.79 -0.95 -33.89
N GLY A 68 14.01 -1.98 -34.71
CA GLY A 68 13.69 -3.36 -34.34
C GLY A 68 12.29 -3.83 -34.70
N LYS A 69 11.49 -2.92 -35.24
CA LYS A 69 10.09 -3.19 -35.59
C LYS A 69 9.93 -3.51 -37.08
N GLY A 70 11.05 -3.67 -37.77
CA GLY A 70 11.05 -4.06 -39.18
C GLY A 70 10.56 -3.03 -40.18
N GLU A 71 10.75 -1.75 -39.86
CA GLU A 71 10.34 -0.65 -40.75
C GLU A 71 11.43 -0.28 -41.76
N VAL A 72 12.65 -0.77 -41.51
CA VAL A 72 13.78 -0.61 -42.42
C VAL A 72 14.31 -1.98 -42.81
N ILE A 73 15.29 -2.04 -43.70
CA ILE A 73 15.92 -3.31 -44.07
C ILE A 73 16.66 -3.89 -42.85
N LYS A 74 16.87 -5.21 -42.86
CA LYS A 74 17.49 -5.91 -41.73
C LYS A 74 18.88 -5.36 -41.34
N ALA A 75 19.69 -4.99 -42.34
CA ALA A 75 21.05 -4.53 -42.08
C ALA A 75 21.11 -3.21 -41.31
N TRP A 76 20.09 -2.36 -41.54
CA TRP A 76 19.92 -1.09 -40.83
C TRP A 76 19.53 -1.26 -39.35
N ASP A 77 18.60 -2.18 -39.09
CA ASP A 77 18.22 -2.53 -37.73
C ASP A 77 19.45 -2.97 -36.93
N ILE A 78 20.27 -3.84 -37.53
CA ILE A 78 21.51 -4.34 -36.94
C ILE A 78 22.56 -3.23 -36.74
N ALA A 79 22.82 -2.46 -37.78
CA ALA A 79 23.93 -1.51 -37.74
C ALA A 79 23.70 -0.35 -36.76
N ILE A 80 22.48 0.20 -36.80
CA ILE A 80 22.15 1.36 -36.02
C ILE A 80 22.15 1.07 -34.52
N ALA A 81 21.79 -0.15 -34.13
CA ALA A 81 21.88 -0.56 -32.72
C ALA A 81 23.32 -0.57 -32.21
N THR A 82 24.29 -0.43 -33.12
CA THR A 82 25.71 -0.38 -32.72
C THR A 82 26.26 1.04 -32.72
N MET A 83 25.42 2.01 -33.05
CA MET A 83 25.85 3.39 -33.19
C MET A 83 25.59 4.27 -31.97
N LYS A 84 26.49 5.22 -31.73
CA LYS A 84 26.33 6.25 -30.72
C LYS A 84 25.84 7.50 -31.44
N VAL A 85 25.14 8.39 -30.72
CA VAL A 85 24.72 9.70 -31.23
C VAL A 85 25.90 10.49 -31.78
N GLY A 86 25.75 11.04 -32.99
CA GLY A 86 26.80 11.80 -33.65
C GLY A 86 27.81 10.96 -34.41
N GLU A 87 27.55 9.67 -34.48
CA GLU A 87 28.45 8.76 -35.18
C GLU A 87 28.08 8.73 -36.65
N VAL A 88 29.08 8.79 -37.51
CA VAL A 88 28.90 8.56 -38.94
C VAL A 88 29.65 7.28 -39.29
N CYS A 89 28.95 6.32 -39.88
CA CYS A 89 29.55 5.04 -40.19
C CYS A 89 29.28 4.64 -41.64
N HIS A 90 30.09 3.73 -42.17
CA HIS A 90 29.78 3.11 -43.45
C HIS A 90 29.45 1.65 -43.21
N ILE A 91 28.33 1.19 -43.79
CA ILE A 91 27.95 -0.22 -43.70
C ILE A 91 27.74 -0.85 -45.05
N THR A 92 28.34 -2.01 -45.25
CA THR A 92 28.17 -2.79 -46.49
C THR A 92 27.22 -3.97 -46.24
N CYS A 93 26.14 -4.02 -47.03
CA CYS A 93 25.00 -4.92 -46.79
C CYS A 93 24.81 -5.91 -47.92
N LYS A 94 25.05 -7.20 -47.64
CA LYS A 94 24.77 -8.27 -48.62
C LYS A 94 23.26 -8.30 -48.96
N PRO A 95 22.88 -8.81 -50.15
CA PRO A 95 21.44 -8.86 -50.48
C PRO A 95 20.53 -9.60 -49.45
N GLU A 96 21.07 -10.57 -48.71
CA GLU A 96 20.29 -11.28 -47.68
C GLU A 96 19.68 -10.31 -46.67
N TYR A 97 20.45 -9.27 -46.36
CA TYR A 97 20.14 -8.27 -45.34
C TYR A 97 19.73 -6.91 -45.95
N ALA A 98 19.35 -6.95 -47.24
CA ALA A 98 18.90 -5.77 -47.97
C ALA A 98 17.68 -6.10 -48.84
N TYR A 99 17.76 -5.87 -50.15
CA TYR A 99 16.60 -6.00 -51.05
C TYR A 99 16.55 -7.29 -51.87
N GLY A 100 17.35 -8.28 -51.48
CA GLY A 100 17.27 -9.66 -52.02
C GLY A 100 17.45 -9.85 -53.52
N SER A 101 16.92 -10.96 -54.03
CA SER A 101 17.08 -11.33 -55.44
C SER A 101 16.27 -10.46 -56.40
N ALA A 102 15.08 -10.03 -55.96
CA ALA A 102 14.23 -9.17 -56.77
C ALA A 102 14.81 -7.75 -56.89
N GLY A 103 15.52 -7.32 -55.86
CA GLY A 103 15.96 -5.94 -55.75
C GLY A 103 14.76 -5.05 -55.53
N SER A 104 14.93 -3.76 -55.82
CA SER A 104 13.84 -2.80 -55.70
C SER A 104 13.63 -2.17 -57.06
N PRO A 105 12.59 -2.64 -57.79
CA PRO A 105 12.34 -2.44 -59.21
C PRO A 105 13.19 -1.37 -59.95
N PRO A 106 13.00 -0.06 -59.68
CA PRO A 106 13.80 0.89 -60.48
C PRO A 106 15.25 1.09 -60.01
N LYS A 107 15.44 1.77 -58.88
CA LYS A 107 16.77 2.20 -58.44
C LYS A 107 17.74 1.07 -58.08
N ILE A 108 17.23 0.05 -57.37
CA ILE A 108 18.06 -1.03 -56.84
C ILE A 108 17.95 -2.35 -57.65
N PRO A 109 19.05 -2.72 -58.34
CA PRO A 109 19.11 -3.96 -59.13
C PRO A 109 19.02 -5.24 -58.30
N PRO A 110 18.72 -6.38 -58.95
CA PRO A 110 18.63 -7.71 -58.34
C PRO A 110 19.93 -8.14 -57.68
N ASN A 111 19.83 -8.94 -56.61
CA ASN A 111 21.00 -9.45 -55.88
C ASN A 111 22.15 -8.45 -55.67
N ALA A 112 21.81 -7.30 -55.08
CA ALA A 112 22.75 -6.20 -54.88
C ALA A 112 23.35 -6.17 -53.47
N THR A 113 24.66 -5.91 -53.39
CA THR A 113 25.34 -5.63 -52.14
C THR A 113 25.38 -4.10 -52.03
N LEU A 114 24.81 -3.56 -50.96
CA LEU A 114 24.63 -2.10 -50.84
C LEU A 114 25.60 -1.48 -49.83
N VAL A 115 26.02 -0.24 -50.10
CA VAL A 115 26.81 0.54 -49.14
C VAL A 115 26.02 1.79 -48.72
N PHE A 116 25.87 1.97 -47.41
CA PHE A 116 25.28 3.20 -46.82
C PHE A 116 26.26 3.97 -45.96
N GLU A 117 26.20 5.30 -46.09
CA GLU A 117 26.71 6.23 -45.11
C GLU A 117 25.50 6.59 -44.30
N VAL A 118 25.59 6.44 -42.98
CA VAL A 118 24.50 6.75 -42.07
C VAL A 118 25.06 7.60 -40.94
N GLU A 119 24.43 8.75 -40.68
CA GLU A 119 24.72 9.55 -39.50
C GLU A 119 23.56 9.47 -38.48
N LEU A 120 23.84 8.95 -37.28
CA LEU A 120 22.85 8.97 -36.19
C LEU A 120 22.81 10.34 -35.52
N PHE A 121 21.65 10.99 -35.57
CA PHE A 121 21.50 12.35 -35.03
C PHE A 121 20.96 12.46 -33.60
N GLU A 122 20.08 11.54 -33.24
CA GLU A 122 19.21 11.69 -32.08
C GLU A 122 18.35 10.46 -31.97
N PHE A 123 18.12 10.04 -30.74
CA PHE A 123 17.11 9.03 -30.50
C PHE A 123 16.45 9.23 -29.15
N LYS A 124 15.14 9.05 -29.12
CA LYS A 124 14.42 9.09 -27.87
C LYS A 124 13.60 7.81 -27.74
N GLY A 125 12.93 7.64 -26.60
CA GLY A 125 12.21 6.39 -26.32
C GLY A 125 10.83 6.28 -26.94
N GLU A 126 10.27 5.08 -26.83
CA GLU A 126 8.92 4.75 -27.31
C GLU A 126 7.88 5.50 -26.51
N ASP A 127 6.98 6.18 -27.22
CA ASP A 127 5.82 6.85 -26.61
C ASP A 127 4.70 5.83 -26.38
N LEU A 128 4.40 5.53 -25.11
CA LEU A 128 3.39 4.52 -24.78
C LEU A 128 1.95 5.03 -24.73
N THR A 129 1.79 6.34 -24.78
CA THR A 129 0.47 6.95 -24.64
C THR A 129 -0.43 6.65 -25.84
N GLU A 130 -1.73 6.52 -25.59
CA GLU A 130 -2.76 6.45 -26.65
C GLU A 130 -2.96 7.80 -27.30
N GLU A 131 -2.69 8.88 -26.55
CA GLU A 131 -2.83 10.24 -27.08
C GLU A 131 -1.66 10.60 -28.02
N GLU A 132 -0.55 9.88 -27.86
CA GLU A 132 0.73 10.21 -28.51
C GLU A 132 1.15 11.64 -28.15
N ASP A 133 1.04 11.95 -26.86
CA ASP A 133 1.37 13.29 -26.33
C ASP A 133 2.72 13.32 -25.62
N GLY A 134 3.48 12.22 -25.75
CA GLY A 134 4.80 12.11 -25.14
C GLY A 134 4.82 12.03 -23.61
N GLY A 135 3.68 11.69 -23.01
CA GLY A 135 3.52 11.75 -21.55
C GLY A 135 4.15 10.61 -20.76
N ILE A 136 4.36 9.49 -21.44
CA ILE A 136 5.03 8.31 -20.91
C ILE A 136 5.95 7.77 -21.99
N ILE A 137 7.26 7.90 -21.77
CA ILE A 137 8.28 7.48 -22.71
C ILE A 137 9.07 6.32 -22.09
N ARG A 138 9.30 5.28 -22.87
CA ARG A 138 10.11 4.17 -22.37
C ARG A 138 11.37 3.98 -23.18
N ARG A 139 12.51 3.92 -22.49
CA ARG A 139 13.75 3.38 -23.08
C ARG A 139 14.00 2.01 -22.43
N ILE A 140 14.14 0.97 -23.26
CA ILE A 140 14.50 -0.36 -22.79
C ILE A 140 16.01 -0.42 -22.50
N GLN A 141 16.36 -1.03 -21.37
CA GLN A 141 17.76 -1.23 -21.00
C GLN A 141 18.17 -2.68 -21.24
N THR A 142 17.29 -3.60 -20.84
CA THR A 142 17.39 -5.02 -21.14
C THR A 142 15.99 -5.48 -21.49
N ARG A 143 15.87 -6.13 -22.64
CA ARG A 143 14.65 -6.83 -23.05
C ARG A 143 14.32 -7.97 -22.09
N GLY A 144 13.04 -8.15 -21.81
CA GLY A 144 12.59 -9.17 -20.89
C GLY A 144 12.56 -10.56 -21.47
N GLU A 145 11.90 -11.45 -20.74
CA GLU A 145 11.88 -12.88 -21.05
C GLU A 145 10.47 -13.33 -21.44
N GLY A 146 10.16 -13.29 -22.71
CA GLY A 146 8.88 -13.83 -23.14
C GLY A 146 7.83 -12.75 -23.19
N TYR A 147 6.67 -13.14 -23.69
CA TYR A 147 5.71 -12.16 -24.18
C TYR A 147 4.71 -11.62 -23.16
N ALA A 148 4.52 -12.34 -22.04
CA ALA A 148 3.50 -12.00 -21.05
C ALA A 148 3.67 -10.61 -20.43
N LYS A 149 2.60 -9.84 -20.41
CA LYS A 149 2.60 -8.51 -19.82
C LYS A 149 1.52 -8.42 -18.75
N PRO A 150 1.82 -7.75 -17.63
CA PRO A 150 0.90 -7.60 -16.49
C PRO A 150 -0.38 -6.87 -16.86
N ASN A 151 -1.49 -7.29 -16.28
CA ASN A 151 -2.77 -6.61 -16.55
C ASN A 151 -3.48 -6.20 -15.25
N GLU A 152 -4.60 -5.49 -15.37
CA GLU A 152 -5.43 -5.18 -14.20
C GLU A 152 -5.63 -6.41 -13.32
N GLY A 153 -5.19 -6.33 -12.07
CA GLY A 153 -5.34 -7.43 -11.13
C GLY A 153 -4.13 -8.34 -11.02
N ALA A 154 -3.16 -8.17 -11.92
CA ALA A 154 -1.90 -8.92 -11.83
C ALA A 154 -1.10 -8.50 -10.60
N ILE A 155 -0.53 -9.50 -9.91
CA ILE A 155 0.37 -9.25 -8.79
C ILE A 155 1.81 -9.18 -9.31
N VAL A 156 2.39 -8.00 -9.27
CA VAL A 156 3.75 -7.84 -9.76
C VAL A 156 4.77 -7.68 -8.65
N GLU A 157 5.98 -8.17 -8.92
CA GLU A 157 7.15 -7.87 -8.09
C GLU A 157 8.03 -6.94 -8.90
N VAL A 158 8.23 -5.73 -8.40
CA VAL A 158 9.14 -4.79 -9.07
C VAL A 158 10.21 -4.18 -8.14
N ALA A 159 11.28 -3.70 -8.74
CA ALA A 159 12.31 -2.96 -8.04
C ALA A 159 12.36 -1.62 -8.72
N LEU A 160 12.15 -0.53 -7.96
CA LEU A 160 12.07 0.80 -8.56
C LEU A 160 12.93 1.90 -7.96
N GLU A 161 13.27 2.87 -8.80
CA GLU A 161 13.99 4.08 -8.39
C GLU A 161 13.39 5.27 -9.13
N GLY A 162 12.84 6.21 -8.37
CA GLY A 162 12.28 7.45 -8.91
C GLY A 162 13.25 8.59 -8.72
N TYR A 163 13.46 9.35 -9.79
CA TYR A 163 14.31 10.52 -9.79
C TYR A 163 13.54 11.80 -10.16
N TYR A 164 13.79 12.90 -9.45
CA TYR A 164 13.37 14.22 -9.90
C TYR A 164 14.65 15.01 -10.24
N LYS A 165 14.93 15.18 -11.54
CA LYS A 165 16.25 15.63 -12.00
C LYS A 165 17.34 14.69 -11.43
N ASP A 166 18.38 15.19 -10.78
CA ASP A 166 19.40 14.26 -10.29
C ASP A 166 19.11 13.55 -8.94
N LYS A 167 17.99 13.91 -8.31
CA LYS A 167 17.67 13.49 -6.93
C LYS A 167 16.82 12.24 -6.86
N LEU A 168 17.27 11.28 -6.07
CA LEU A 168 16.55 10.02 -5.84
C LEU A 168 15.52 10.22 -4.73
N PHE A 169 14.24 9.99 -4.99
CA PHE A 169 13.18 10.26 -4.00
C PHE A 169 12.48 9.03 -3.45
N ASP A 170 12.53 7.94 -4.22
CA ASP A 170 11.84 6.71 -3.89
C ASP A 170 12.66 5.54 -4.39
N GLN A 171 13.04 4.65 -3.48
CA GLN A 171 13.72 3.43 -3.84
C GLN A 171 13.12 2.29 -3.07
N ARG A 172 12.45 1.41 -3.78
CA ARG A 172 11.66 0.35 -3.16
C ARG A 172 11.60 -0.91 -4.03
N GLU A 173 11.54 -2.05 -3.37
CA GLU A 173 11.16 -3.32 -3.99
C GLU A 173 9.79 -3.67 -3.46
N LEU A 174 8.84 -3.88 -4.35
CA LEU A 174 7.47 -4.08 -3.89
C LEU A 174 6.67 -5.14 -4.64
N ARG A 175 5.84 -5.85 -3.88
CA ARG A 175 4.84 -6.75 -4.43
C ARG A 175 3.47 -6.11 -4.28
N PHE A 176 2.86 -5.72 -5.40
CA PHE A 176 1.53 -5.12 -5.33
C PHE A 176 0.63 -5.53 -6.50
N GLU A 177 -0.68 -5.31 -6.33
CA GLU A 177 -1.67 -5.62 -7.37
C GLU A 177 -1.92 -4.40 -8.28
N ILE A 178 -1.84 -4.61 -9.59
CA ILE A 178 -2.11 -3.58 -10.59
C ILE A 178 -3.57 -3.07 -10.49
N GLY A 179 -3.74 -1.82 -10.11
CA GLY A 179 -5.06 -1.30 -9.72
C GLY A 179 -5.04 -0.80 -8.28
N GLU A 180 -4.01 -1.22 -7.53
CA GLU A 180 -3.77 -0.80 -6.14
C GLU A 180 -2.57 0.15 -5.96
N GLY A 181 -1.74 0.28 -6.99
CA GLY A 181 -0.55 1.15 -6.94
C GLY A 181 -0.76 2.60 -6.55
N GLU A 182 -1.94 3.15 -6.84
CA GLU A 182 -2.36 4.48 -6.35
C GLU A 182 -2.37 4.61 -4.80
N ASN A 183 -2.33 3.49 -4.06
CA ASN A 183 -2.35 3.52 -2.59
C ASN A 183 -0.93 3.43 -2.01
N LEU A 184 0.04 3.37 -2.92
CA LEU A 184 1.44 3.11 -2.62
C LEU A 184 2.34 4.23 -3.18
N ASP A 185 1.76 5.41 -3.41
CA ASP A 185 2.50 6.59 -3.86
C ASP A 185 3.16 6.35 -5.23
N LEU A 186 2.53 5.51 -6.05
CA LEU A 186 3.02 5.29 -7.41
C LEU A 186 2.18 6.12 -8.37
N PRO A 187 2.83 6.89 -9.24
CA PRO A 187 2.06 7.72 -10.17
C PRO A 187 1.36 6.86 -11.23
N TYR A 188 0.22 7.33 -11.73
CA TYR A 188 -0.59 6.62 -12.71
C TYR A 188 0.27 6.15 -13.90
N GLY A 189 1.02 7.09 -14.48
CA GLY A 189 1.85 6.82 -15.63
C GLY A 189 2.86 5.70 -15.47
N LEU A 190 3.35 5.46 -14.26
CA LEU A 190 4.32 4.38 -14.03
C LEU A 190 3.62 3.02 -13.97
N GLU A 191 2.48 2.99 -13.30
CA GLU A 191 1.70 1.77 -13.16
C GLU A 191 1.17 1.34 -14.53
N ARG A 192 0.91 2.33 -15.37
CA ARG A 192 0.41 2.10 -16.73
C ARG A 192 1.50 1.41 -17.52
N ALA A 193 2.71 1.96 -17.40
CA ALA A 193 3.88 1.52 -18.13
C ALA A 193 4.31 0.13 -17.70
N ILE A 194 4.13 -0.18 -16.43
CA ILE A 194 4.44 -1.51 -15.95
C ILE A 194 3.72 -2.58 -16.76
N GLN A 195 2.53 -2.21 -17.24
CA GLN A 195 1.66 -3.11 -18.02
C GLN A 195 2.12 -3.32 -19.48
N ARG A 196 3.16 -2.59 -19.86
CA ARG A 196 3.77 -2.75 -21.19
C ARG A 196 5.13 -3.44 -21.10
N MET A 197 5.46 -3.95 -19.91
CA MET A 197 6.74 -4.61 -19.66
C MET A 197 6.61 -6.13 -19.59
N GLU A 198 7.66 -6.83 -20.03
CA GLU A 198 7.73 -8.30 -19.98
C GLU A 198 8.49 -8.73 -18.74
N LYS A 199 8.25 -9.95 -18.26
CA LYS A 199 8.99 -10.45 -17.10
C LYS A 199 10.49 -10.32 -17.40
N GLY A 200 11.27 -9.94 -16.38
CA GLY A 200 12.71 -9.74 -16.53
C GLY A 200 13.18 -8.42 -17.13
N GLU A 201 12.24 -7.63 -17.66
CA GLU A 201 12.57 -6.36 -18.34
C GLU A 201 13.10 -5.29 -17.40
N HIS A 202 14.12 -4.56 -17.87
CA HIS A 202 14.65 -3.38 -17.19
C HIS A 202 14.55 -2.15 -18.11
N SER A 203 13.89 -1.11 -17.60
CA SER A 203 13.58 0.06 -18.40
C SER A 203 13.60 1.38 -17.63
N ILE A 204 13.76 2.46 -18.39
CA ILE A 204 13.58 3.79 -17.84
C ILE A 204 12.28 4.33 -18.37
N VAL A 205 11.48 4.84 -17.45
CA VAL A 205 10.17 5.40 -17.75
C VAL A 205 10.22 6.87 -17.39
N TYR A 206 9.93 7.71 -18.38
CA TYR A 206 9.93 9.15 -18.24
C TYR A 206 8.49 9.64 -18.20
N LEU A 207 8.11 10.32 -17.11
CA LEU A 207 6.73 10.80 -16.95
C LEU A 207 6.62 12.31 -17.00
N LYS A 208 5.69 12.81 -17.82
CA LYS A 208 5.31 14.24 -17.80
C LYS A 208 4.44 14.52 -16.58
N PRO A 209 4.39 15.78 -16.12
CA PRO A 209 3.60 16.09 -14.91
C PRO A 209 2.20 15.43 -14.87
N SER A 210 1.46 15.49 -15.97
CA SER A 210 0.07 15.00 -16.03
C SER A 210 -0.08 13.53 -15.69
N TYR A 211 0.90 12.75 -16.12
CA TYR A 211 0.90 11.31 -15.88
C TYR A 211 1.73 11.04 -14.63
N ALA A 212 2.14 12.11 -13.96
CA ALA A 212 2.91 11.97 -12.75
C ALA A 212 2.09 12.54 -11.59
N PHE A 213 2.63 13.48 -10.83
CA PHE A 213 1.91 14.06 -9.70
C PHE A 213 1.35 15.46 -9.96
N GLY A 214 1.39 15.90 -11.22
CA GLY A 214 0.62 17.07 -11.68
C GLY A 214 0.96 18.39 -11.05
N SER A 215 -0.03 19.29 -11.03
CA SER A 215 0.10 20.62 -10.42
C SER A 215 0.25 20.58 -8.90
N VAL A 216 -0.30 19.55 -8.27
CA VAL A 216 -0.25 19.41 -6.81
C VAL A 216 1.12 18.95 -6.32
N GLY A 217 1.73 18.00 -7.04
CA GLY A 217 2.99 17.44 -6.62
C GLY A 217 2.83 16.49 -5.43
N LYS A 218 3.95 16.18 -4.78
CA LYS A 218 3.95 15.23 -3.70
C LYS A 218 4.99 15.63 -2.66
N GLU A 219 4.54 16.41 -1.67
CA GLU A 219 5.43 16.94 -0.65
C GLU A 219 6.26 15.90 0.09
N LYS A 220 5.68 14.73 0.32
CA LYS A 220 6.39 13.70 1.08
C LYS A 220 7.60 13.11 0.34
N PHE A 221 7.62 13.26 -0.99
CA PHE A 221 8.75 12.87 -1.82
C PHE A 221 9.57 14.07 -2.30
N GLN A 222 9.26 15.24 -1.76
CA GLN A 222 9.85 16.53 -2.19
C GLN A 222 9.73 16.83 -3.70
N ILE A 223 8.61 16.42 -4.29
CA ILE A 223 8.33 16.69 -5.69
C ILE A 223 7.48 17.95 -5.77
N PRO A 224 8.00 18.97 -6.49
CA PRO A 224 7.30 20.24 -6.67
C PRO A 224 6.18 20.13 -7.74
N PRO A 225 5.32 21.15 -7.83
CA PRO A 225 4.30 21.14 -8.88
C PRO A 225 4.96 21.10 -10.26
N ASN A 226 4.31 20.43 -11.21
CA ASN A 226 4.69 20.43 -12.65
C ASN A 226 6.00 19.72 -12.95
N ALA A 227 6.29 18.67 -12.18
CA ALA A 227 7.54 17.93 -12.31
C ALA A 227 7.44 16.75 -13.28
N GLU A 228 8.43 16.68 -14.17
CA GLU A 228 8.71 15.50 -14.98
C GLU A 228 9.53 14.59 -14.09
N LEU A 229 9.30 13.27 -14.19
CA LEU A 229 9.97 12.30 -13.35
C LEU A 229 10.58 11.17 -14.20
N LYS A 230 11.57 10.49 -13.64
CA LYS A 230 12.27 9.39 -14.31
C LYS A 230 12.32 8.20 -13.37
N TYR A 231 11.79 7.06 -13.79
CA TYR A 231 11.87 5.86 -13.00
C TYR A 231 12.76 4.81 -13.67
N GLU A 232 13.72 4.30 -12.92
CA GLU A 232 14.44 3.14 -13.37
C GLU A 232 13.74 1.94 -12.75
N LEU A 233 13.27 1.00 -13.57
CA LEU A 233 12.56 -0.13 -13.00
C LEU A 233 12.77 -1.49 -13.62
N HIS A 234 12.72 -2.50 -12.75
CA HIS A 234 12.82 -3.90 -13.13
C HIS A 234 11.48 -4.55 -12.85
N LEU A 235 10.90 -5.20 -13.85
CA LEU A 235 9.79 -6.13 -13.64
C LEU A 235 10.39 -7.53 -13.45
N LYS A 236 10.44 -7.97 -12.21
CA LYS A 236 11.15 -9.19 -11.83
C LYS A 236 10.31 -10.43 -12.07
N SER A 237 9.02 -10.35 -11.73
CA SER A 237 8.05 -11.44 -11.95
C SER A 237 6.60 -10.97 -11.76
N PHE A 238 5.64 -11.81 -12.16
CA PHE A 238 4.23 -11.54 -11.89
C PHE A 238 3.31 -12.74 -12.07
N GLU A 239 2.35 -12.86 -11.15
CA GLU A 239 1.19 -13.72 -11.30
C GLU A 239 0.07 -12.92 -11.95
N LYS A 240 -0.59 -13.48 -12.96
CA LYS A 240 -1.68 -12.71 -13.59
C LYS A 240 -3.01 -12.88 -12.85
N ALA A 241 -4.07 -12.21 -13.35
CA ALA A 241 -5.46 -12.39 -12.89
C ALA A 241 -5.64 -13.47 -11.83
N GLY B 8 -21.20 2.65 2.13
CA GLY B 8 -19.73 2.81 2.36
C GLY B 8 -19.36 4.28 2.39
N VAL B 9 -18.93 4.77 3.57
CA VAL B 9 -18.75 6.21 3.83
C VAL B 9 -17.28 6.58 4.11
N ASP B 10 -16.75 7.53 3.34
CA ASP B 10 -15.38 8.04 3.54
C ASP B 10 -15.31 9.00 4.74
N ILE B 11 -14.47 8.65 5.70
CA ILE B 11 -14.38 9.40 6.95
C ILE B 11 -12.96 9.92 7.17
N SER B 12 -12.07 9.58 6.24
CA SER B 12 -10.73 10.15 6.19
C SER B 12 -10.83 11.67 6.10
N PRO B 13 -10.03 12.38 6.92
CA PRO B 13 -10.08 13.85 7.02
C PRO B 13 -9.71 14.51 5.71
N LYS B 14 -8.85 13.85 4.93
CA LYS B 14 -8.37 14.34 3.65
C LYS B 14 -9.38 14.10 2.53
N GLN B 15 -10.44 13.36 2.85
CA GLN B 15 -11.38 12.80 1.86
C GLN B 15 -10.66 12.14 0.68
N ASP B 16 -9.81 11.16 1.00
CA ASP B 16 -9.08 10.41 -0.04
C ASP B 16 -9.37 8.92 -0.08
N GLU B 17 -10.57 8.56 0.37
CA GLU B 17 -11.02 7.15 0.48
C GLU B 17 -10.00 6.22 1.16
N GLY B 18 -9.23 6.79 2.09
CA GLY B 18 -8.22 6.05 2.83
C GLY B 18 -8.82 5.19 3.94
N VAL B 19 -9.99 5.61 4.42
CA VAL B 19 -10.74 4.86 5.45
C VAL B 19 -12.23 4.87 5.11
N LEU B 20 -12.80 3.67 4.93
CA LEU B 20 -14.22 3.53 4.58
C LEU B 20 -14.99 2.79 5.67
N LYS B 21 -16.09 3.39 6.12
CA LYS B 21 -16.84 2.91 7.29
C LYS B 21 -18.28 2.51 6.96
N VAL B 22 -18.63 1.27 7.26
CA VAL B 22 -20.02 0.81 7.16
C VAL B 22 -20.51 0.48 8.56
N ILE B 23 -21.61 1.10 9.00
CA ILE B 23 -22.19 0.77 10.30
C ILE B 23 -23.03 -0.51 10.22
N LYS B 24 -22.72 -1.45 11.12
CA LYS B 24 -23.38 -2.76 11.16
C LYS B 24 -24.51 -2.74 12.16
N ARG B 25 -24.25 -2.20 13.34
CA ARG B 25 -25.24 -2.08 14.39
C ARG B 25 -25.13 -0.68 15.01
N GLU B 26 -26.27 0.02 15.05
CA GLU B 26 -26.39 1.30 15.73
C GLU B 26 -26.16 1.13 17.23
N GLY B 27 -25.33 2.00 17.79
CA GLY B 27 -25.02 2.00 19.22
C GLY B 27 -26.06 2.73 20.06
N THR B 28 -25.83 2.70 21.37
CA THR B 28 -26.78 3.24 22.37
C THR B 28 -26.20 4.43 23.11
N GLY B 29 -24.95 4.77 22.83
CA GLY B 29 -24.29 5.93 23.46
C GLY B 29 -24.84 7.25 22.95
N THR B 30 -24.81 8.27 23.79
CA THR B 30 -25.20 9.61 23.36
C THR B 30 -23.99 10.33 22.75
N GLU B 31 -22.79 9.89 23.11
CA GLU B 31 -21.56 10.62 22.83
C GLU B 31 -20.53 9.83 22.02
N MET B 32 -19.54 10.55 21.48
CA MET B 32 -18.42 9.97 20.76
C MET B 32 -17.12 10.20 21.54
N PRO B 33 -16.12 9.30 21.43
CA PRO B 33 -14.95 9.50 22.26
C PRO B 33 -14.06 10.60 21.72
N MET B 34 -13.28 11.21 22.61
CA MET B 34 -12.48 12.38 22.27
C MET B 34 -10.99 12.07 22.44
N ILE B 35 -10.13 12.91 21.87
CA ILE B 35 -8.69 12.77 22.02
C ILE B 35 -8.33 12.70 23.50
N GLY B 36 -7.48 11.75 23.87
CA GLY B 36 -7.05 11.60 25.27
C GLY B 36 -7.80 10.55 26.08
N ASP B 37 -9.03 10.23 25.64
CA ASP B 37 -9.88 9.23 26.28
C ASP B 37 -9.36 7.80 26.18
N ARG B 38 -9.52 7.03 27.25
CA ARG B 38 -9.16 5.60 27.25
C ARG B 38 -10.32 4.73 26.75
N VAL B 39 -10.25 4.34 25.46
CA VAL B 39 -11.35 3.61 24.83
C VAL B 39 -11.18 2.08 24.90
N PHE B 40 -12.30 1.38 24.83
CA PHE B 40 -12.30 -0.08 24.87
C PHE B 40 -13.05 -0.62 23.66
N VAL B 41 -12.40 -1.50 22.91
CA VAL B 41 -13.02 -2.13 21.74
C VAL B 41 -12.85 -3.67 21.68
N HIS B 42 -13.82 -4.34 21.04
CA HIS B 42 -13.56 -5.65 20.48
C HIS B 42 -13.42 -5.52 18.99
N TYR B 43 -12.58 -6.37 18.43
CA TYR B 43 -12.31 -6.28 17.02
C TYR B 43 -11.87 -7.60 16.45
N THR B 44 -12.04 -7.72 15.15
CA THR B 44 -11.44 -8.75 14.35
C THR B 44 -10.74 -8.08 13.15
N GLY B 45 -9.57 -8.59 12.75
CA GLY B 45 -8.79 -8.04 11.63
C GLY B 45 -8.55 -8.98 10.45
N TRP B 46 -8.84 -8.50 9.24
CA TRP B 46 -8.92 -9.33 8.05
C TRP B 46 -8.14 -8.78 6.84
N LEU B 47 -7.50 -9.68 6.10
CA LEU B 47 -6.94 -9.36 4.79
C LEU B 47 -7.99 -9.66 3.71
N LEU B 48 -7.82 -9.02 2.56
CA LEU B 48 -8.80 -9.12 1.48
C LEU B 48 -8.98 -10.54 0.93
N ASP B 49 -8.04 -11.43 1.26
CA ASP B 49 -8.09 -12.82 0.77
C ASP B 49 -8.80 -13.85 1.69
N GLY B 50 -9.08 -13.48 2.94
CA GLY B 50 -9.78 -14.35 3.89
C GLY B 50 -9.02 -14.64 5.17
N THR B 51 -7.82 -14.06 5.28
CA THR B 51 -6.94 -14.27 6.41
C THR B 51 -7.38 -13.41 7.57
N LYS B 52 -7.65 -14.08 8.69
CA LYS B 52 -7.89 -13.39 9.96
C LYS B 52 -6.57 -13.30 10.72
N PHE B 53 -5.96 -12.12 10.69
CA PHE B 53 -4.65 -11.92 11.32
C PHE B 53 -4.73 -11.59 12.81
N ASP B 54 -5.90 -11.18 13.27
CA ASP B 54 -6.05 -10.67 14.63
C ASP B 54 -7.49 -10.68 15.06
N SER B 55 -7.70 -10.99 16.34
CA SER B 55 -9.02 -10.96 16.95
C SER B 55 -8.88 -10.95 18.45
N SER B 56 -9.69 -10.10 19.09
CA SER B 56 -9.65 -9.95 20.52
C SER B 56 -10.72 -10.85 21.16
N LEU B 57 -11.74 -11.22 20.39
CA LEU B 57 -12.74 -12.19 20.83
C LEU B 57 -12.11 -13.54 21.10
N ASP B 58 -11.21 -13.96 20.22
CA ASP B 58 -10.41 -15.19 20.43
C ASP B 58 -9.58 -15.11 21.70
N ARG B 59 -9.33 -13.88 22.15
CA ARG B 59 -8.48 -13.60 23.30
C ARG B 59 -9.31 -13.41 24.57
N LYS B 60 -10.60 -13.13 24.38
CA LYS B 60 -11.55 -12.81 25.47
C LYS B 60 -11.10 -11.68 26.43
N ASP B 61 -10.32 -10.71 25.92
CA ASP B 61 -10.21 -9.42 26.60
C ASP B 61 -10.22 -8.27 25.61
N LYS B 62 -11.04 -7.28 25.92
CA LYS B 62 -11.22 -6.10 25.08
C LYS B 62 -9.87 -5.38 24.99
N PHE B 63 -9.61 -4.79 23.83
CA PHE B 63 -8.37 -4.05 23.59
C PHE B 63 -8.57 -2.62 24.10
N SER B 64 -7.52 -2.01 24.63
CA SER B 64 -7.56 -0.62 25.08
C SER B 64 -6.31 0.21 24.71
N PHE B 65 -6.57 1.45 24.31
CA PHE B 65 -5.54 2.43 23.96
C PHE B 65 -6.11 3.82 24.23
N ASP B 66 -5.24 4.82 24.29
CA ASP B 66 -5.68 6.22 24.39
C ASP B 66 -5.89 6.81 22.98
N LEU B 67 -7.09 7.33 22.72
CA LEU B 67 -7.46 7.84 21.37
C LEU B 67 -6.73 9.13 20.98
N GLY B 68 -6.19 9.13 19.76
CA GLY B 68 -5.53 10.30 19.17
C GLY B 68 -4.08 10.54 19.59
N LYS B 69 -3.37 9.46 19.93
CA LYS B 69 -1.98 9.58 20.39
C LYS B 69 -0.99 8.70 19.61
N GLY B 70 -1.45 8.16 18.48
CA GLY B 70 -0.63 7.36 17.59
C GLY B 70 -0.22 6.01 18.13
N GLU B 71 -1.01 5.49 19.09
CA GLU B 71 -0.78 4.19 19.77
C GLU B 71 -1.31 3.02 18.95
N VAL B 72 -2.14 3.33 17.97
CA VAL B 72 -2.72 2.36 17.05
C VAL B 72 -2.54 2.93 15.64
N ILE B 73 -2.84 2.15 14.61
CA ILE B 73 -2.82 2.65 13.23
C ILE B 73 -3.78 3.83 13.06
N LYS B 74 -3.44 4.71 12.12
CA LYS B 74 -4.18 5.95 11.86
C LYS B 74 -5.68 5.76 11.57
N ALA B 75 -6.03 4.67 10.89
CA ALA B 75 -7.44 4.39 10.59
C ALA B 75 -8.28 4.15 11.86
N TRP B 76 -7.64 3.68 12.92
CA TRP B 76 -8.32 3.44 14.19
C TRP B 76 -8.62 4.76 14.91
N ASP B 77 -7.59 5.60 15.02
CA ASP B 77 -7.72 6.96 15.55
C ASP B 77 -8.81 7.81 14.86
N ILE B 78 -9.04 7.55 13.59
CA ILE B 78 -10.02 8.25 12.79
C ILE B 78 -11.43 7.63 12.92
N ALA B 79 -11.50 6.30 12.79
CA ALA B 79 -12.77 5.58 12.85
C ALA B 79 -13.38 5.68 14.24
N ILE B 80 -12.61 5.26 15.25
CA ILE B 80 -13.11 5.19 16.61
C ILE B 80 -13.64 6.54 17.13
N ALA B 81 -13.08 7.65 16.59
CA ALA B 81 -13.54 9.02 16.91
C ALA B 81 -14.90 9.39 16.28
N THR B 82 -15.35 8.57 15.32
CA THR B 82 -16.70 8.70 14.75
C THR B 82 -17.72 7.70 15.34
N MET B 83 -17.27 6.86 16.29
CA MET B 83 -18.13 5.81 16.88
C MET B 83 -18.81 6.23 18.18
N LYS B 84 -19.97 5.65 18.46
CA LYS B 84 -20.63 5.75 19.78
C LYS B 84 -20.57 4.43 20.56
N VAL B 85 -20.85 4.49 21.86
CA VAL B 85 -20.91 3.29 22.70
C VAL B 85 -22.00 2.32 22.20
N GLY B 86 -21.63 1.05 22.05
CA GLY B 86 -22.55 0.00 21.55
C GLY B 86 -22.49 -0.26 20.04
N GLU B 87 -21.74 0.57 19.32
CA GLU B 87 -21.73 0.56 17.87
C GLU B 87 -20.77 -0.50 17.29
N VAL B 88 -21.23 -1.21 16.27
CA VAL B 88 -20.41 -2.17 15.55
C VAL B 88 -20.28 -1.68 14.12
N CYS B 89 -19.04 -1.58 13.63
CA CYS B 89 -18.80 -1.12 12.24
C CYS B 89 -17.71 -1.89 11.48
N HIS B 90 -17.73 -1.79 10.16
CA HIS B 90 -16.68 -2.32 9.32
C HIS B 90 -15.88 -1.18 8.70
N ILE B 91 -14.55 -1.26 8.83
CA ILE B 91 -13.68 -0.26 8.23
C ILE B 91 -12.64 -0.88 7.33
N THR B 92 -12.57 -0.33 6.13
CA THR B 92 -11.62 -0.72 5.13
C THR B 92 -10.48 0.31 5.16
N CYS B 93 -9.28 -0.17 5.47
CA CYS B 93 -8.16 0.71 5.74
C CYS B 93 -7.09 0.57 4.65
N LYS B 94 -6.88 1.63 3.88
CA LYS B 94 -5.83 1.65 2.85
C LYS B 94 -4.43 1.67 3.50
N PRO B 95 -3.42 1.07 2.82
CA PRO B 95 -2.08 0.88 3.41
C PRO B 95 -1.52 2.11 4.16
N GLU B 96 -1.61 3.30 3.56
CA GLU B 96 -1.10 4.53 4.18
C GLU B 96 -1.77 4.89 5.53
N TYR B 97 -2.93 4.29 5.79
CA TYR B 97 -3.65 4.49 7.05
C TYR B 97 -3.58 3.23 7.92
N ALA B 98 -2.64 2.36 7.57
CA ALA B 98 -2.49 1.12 8.28
C ALA B 98 -1.00 0.88 8.58
N TYR B 99 -0.41 -0.14 7.98
CA TYR B 99 0.97 -0.50 8.31
C TYR B 99 2.01 -0.13 7.22
N GLY B 100 1.52 0.36 6.08
CA GLY B 100 2.38 0.90 5.03
C GLY B 100 3.31 -0.14 4.43
N SER B 101 4.48 0.32 4.00
CA SER B 101 5.44 -0.48 3.24
C SER B 101 6.09 -1.62 4.02
N ALA B 102 6.33 -1.43 5.31
CA ALA B 102 6.82 -2.50 6.15
C ALA B 102 5.88 -2.53 7.35
N GLY B 103 4.90 -3.44 7.29
CA GLY B 103 3.73 -3.41 8.18
C GLY B 103 3.73 -4.33 9.38
N SER B 104 3.12 -5.51 9.20
CA SER B 104 3.21 -6.70 10.08
C SER B 104 3.24 -6.62 11.61
N PRO B 105 2.09 -6.89 12.27
CA PRO B 105 2.22 -7.55 13.58
C PRO B 105 2.98 -8.91 13.44
N PRO B 106 2.27 -10.05 13.18
CA PRO B 106 2.99 -11.22 12.66
C PRO B 106 2.58 -11.70 11.24
N LYS B 107 1.35 -11.42 10.81
CA LYS B 107 0.84 -11.98 9.56
C LYS B 107 0.49 -10.94 8.51
N ILE B 108 0.82 -9.68 8.77
CA ILE B 108 0.46 -8.61 7.83
C ILE B 108 1.58 -8.31 6.83
N PRO B 109 1.30 -8.48 5.52
CA PRO B 109 2.32 -8.16 4.55
C PRO B 109 2.44 -6.65 4.33
N PRO B 110 3.60 -6.21 3.82
CA PRO B 110 3.80 -4.87 3.32
C PRO B 110 2.73 -4.50 2.30
N ASN B 111 2.35 -3.22 2.28
CA ASN B 111 1.44 -2.65 1.28
C ASN B 111 0.03 -3.25 1.27
N ALA B 112 -0.49 -3.61 2.45
CA ALA B 112 -1.80 -4.27 2.55
C ALA B 112 -2.99 -3.36 2.91
N THR B 113 -4.11 -3.59 2.22
CA THR B 113 -5.41 -3.07 2.63
C THR B 113 -6.04 -4.02 3.66
N LEU B 114 -6.58 -3.45 4.75
CA LEU B 114 -7.12 -4.21 5.88
C LEU B 114 -8.58 -3.93 6.15
N VAL B 115 -9.31 -4.95 6.59
CA VAL B 115 -10.69 -4.78 7.03
C VAL B 115 -10.81 -5.17 8.51
N PHE B 116 -11.39 -4.26 9.28
CA PHE B 116 -11.68 -4.51 10.70
C PHE B 116 -13.18 -4.48 10.96
N GLU B 117 -13.61 -5.36 11.85
CA GLU B 117 -14.91 -5.24 12.52
C GLU B 117 -14.56 -4.71 13.91
N VAL B 118 -15.16 -3.58 14.29
CA VAL B 118 -14.88 -2.95 15.58
C VAL B 118 -16.17 -2.63 16.34
N GLU B 119 -16.23 -3.02 17.63
CA GLU B 119 -17.32 -2.65 18.52
C GLU B 119 -16.75 -1.79 19.64
N LEU B 120 -17.31 -0.59 19.79
CA LEU B 120 -16.94 0.31 20.91
C LEU B 120 -17.75 -0.05 22.15
N PHE B 121 -17.11 -0.02 23.32
CA PHE B 121 -17.82 -0.40 24.56
C PHE B 121 -18.23 0.69 25.55
N GLU B 122 -17.25 1.28 26.22
CA GLU B 122 -17.51 2.37 27.17
C GLU B 122 -16.17 3.02 27.45
N PHE B 123 -16.12 4.33 27.26
CA PHE B 123 -14.85 5.04 27.26
C PHE B 123 -14.79 6.11 28.33
N LYS B 124 -15.88 6.30 29.06
CA LYS B 124 -15.98 7.36 30.06
C LYS B 124 -15.67 6.85 31.48
N GLY B 125 -15.35 5.56 31.60
CA GLY B 125 -15.08 4.96 32.92
C GLY B 125 -13.72 5.32 33.48
N GLU B 126 -13.60 5.20 34.80
CA GLU B 126 -12.34 5.47 35.51
C GLU B 126 -11.70 4.16 35.93
N ASP B 127 -10.38 4.04 35.71
CA ASP B 127 -9.61 2.86 36.12
C ASP B 127 -9.31 2.88 37.61
N LEU B 128 -9.85 1.92 38.34
CA LEU B 128 -9.68 1.89 39.80
C LEU B 128 -8.45 1.13 40.28
N THR B 129 -7.76 0.46 39.36
CA THR B 129 -6.66 -0.43 39.71
C THR B 129 -5.37 0.32 40.10
N GLU B 130 -4.62 -0.30 41.03
CA GLU B 130 -3.30 0.18 41.45
C GLU B 130 -2.30 0.05 40.29
N GLU B 131 -2.49 -0.98 39.47
CA GLU B 131 -1.65 -1.26 38.31
C GLU B 131 -1.90 -0.35 37.12
N GLU B 132 -3.07 0.28 37.05
CA GLU B 132 -3.56 0.96 35.84
C GLU B 132 -3.59 -0.01 34.66
N ASP B 133 -4.22 -1.17 34.86
CA ASP B 133 -4.26 -2.22 33.84
C ASP B 133 -5.64 -2.46 33.26
N GLY B 134 -6.52 -1.47 33.44
CA GLY B 134 -7.91 -1.56 32.96
C GLY B 134 -8.78 -2.57 33.67
N GLY B 135 -8.26 -3.18 34.73
CA GLY B 135 -8.90 -4.38 35.32
C GLY B 135 -10.24 -4.13 36.00
N ILE B 136 -10.39 -2.93 36.56
CA ILE B 136 -11.60 -2.52 37.25
C ILE B 136 -11.92 -1.13 36.78
N ILE B 137 -13.01 -1.00 36.05
CA ILE B 137 -13.42 0.27 35.50
C ILE B 137 -14.74 0.68 36.15
N ARG B 138 -14.84 1.94 36.56
CA ARG B 138 -16.08 2.43 37.14
C ARG B 138 -16.64 3.65 36.46
N ARG B 139 -17.90 3.53 36.04
CA ARG B 139 -18.66 4.67 35.53
C ARG B 139 -19.77 4.99 36.52
N ILE B 140 -19.64 6.11 37.20
CA ILE B 140 -20.66 6.57 38.15
C ILE B 140 -21.93 6.91 37.34
N GLN B 141 -23.06 6.36 37.77
CA GLN B 141 -24.36 6.70 37.17
C GLN B 141 -24.97 7.85 37.96
N THR B 142 -25.08 7.66 39.28
CA THR B 142 -25.51 8.71 40.21
C THR B 142 -24.56 8.79 41.40
N ARG B 143 -24.19 10.03 41.73
CA ARG B 143 -23.23 10.34 42.77
C ARG B 143 -23.84 10.16 44.15
N GLY B 144 -23.05 9.71 45.13
CA GLY B 144 -23.52 9.47 46.49
C GLY B 144 -23.55 10.72 47.37
N GLU B 145 -23.92 10.54 48.64
CA GLU B 145 -24.23 11.68 49.54
C GLU B 145 -23.00 12.35 50.13
N GLY B 146 -22.20 11.59 50.89
CA GLY B 146 -21.01 12.11 51.56
C GLY B 146 -19.69 11.66 50.97
N TYR B 147 -18.61 11.85 51.73
CA TYR B 147 -17.26 11.60 51.23
C TYR B 147 -16.68 10.28 51.70
N ALA B 148 -17.22 9.79 52.81
CA ALA B 148 -16.83 8.54 53.42
C ALA B 148 -16.93 7.39 52.43
N LYS B 149 -15.88 6.58 52.37
CA LYS B 149 -15.88 5.37 51.54
C LYS B 149 -15.56 4.16 52.43
N PRO B 150 -16.26 3.03 52.25
CA PRO B 150 -16.06 1.85 53.11
C PRO B 150 -14.59 1.38 53.16
N ASN B 151 -14.11 1.09 54.37
CA ASN B 151 -12.76 0.54 54.56
C ASN B 151 -12.83 -0.97 54.81
N GLU B 152 -11.67 -1.62 54.86
CA GLU B 152 -11.60 -3.03 55.20
C GLU B 152 -12.31 -3.29 56.54
N GLY B 153 -13.12 -4.35 56.60
CA GLY B 153 -13.89 -4.67 57.80
C GLY B 153 -15.18 -3.89 57.94
N ALA B 154 -15.49 -3.03 56.97
CA ALA B 154 -16.72 -2.26 56.96
C ALA B 154 -17.91 -3.14 56.63
N ILE B 155 -19.03 -2.88 57.30
CA ILE B 155 -20.26 -3.57 57.00
C ILE B 155 -21.03 -2.72 56.00
N VAL B 156 -21.31 -3.27 54.82
CA VAL B 156 -21.99 -2.51 53.78
C VAL B 156 -23.36 -3.12 53.40
N GLU B 157 -24.30 -2.26 53.05
CA GLU B 157 -25.58 -2.66 52.48
C GLU B 157 -25.53 -2.31 51.00
N VAL B 158 -25.45 -3.34 50.16
CA VAL B 158 -25.32 -3.15 48.72
C VAL B 158 -26.47 -3.80 47.96
N ALA B 159 -26.82 -3.19 46.83
CA ALA B 159 -27.77 -3.74 45.89
C ALA B 159 -26.96 -3.96 44.63
N LEU B 160 -27.01 -5.18 44.09
CA LEU B 160 -26.18 -5.52 42.96
C LEU B 160 -26.85 -6.35 41.89
N GLU B 161 -26.43 -6.10 40.65
CA GLU B 161 -26.86 -6.91 39.50
C GLU B 161 -25.61 -7.36 38.75
N GLY B 162 -25.39 -8.68 38.71
CA GLY B 162 -24.23 -9.25 38.04
C GLY B 162 -24.57 -9.75 36.64
N TYR B 163 -23.84 -9.23 35.65
CA TYR B 163 -24.03 -9.56 34.24
C TYR B 163 -22.81 -10.23 33.59
N TYR B 164 -23.07 -11.09 32.62
CA TYR B 164 -22.04 -11.69 31.79
C TYR B 164 -22.59 -11.68 30.39
N LYS B 165 -21.84 -11.10 29.45
CA LYS B 165 -22.30 -10.98 28.06
C LYS B 165 -23.72 -10.45 28.06
N ASP B 166 -24.01 -9.55 29.00
CA ASP B 166 -25.37 -9.01 29.19
C ASP B 166 -26.46 -10.07 29.41
N LYS B 167 -26.11 -11.14 30.12
CA LYS B 167 -27.09 -12.02 30.70
C LYS B 167 -26.95 -11.91 32.22
N LEU B 168 -28.07 -11.70 32.90
CA LEU B 168 -28.08 -11.55 34.36
C LEU B 168 -27.85 -12.87 35.08
N PHE B 169 -26.79 -12.94 35.88
CA PHE B 169 -26.46 -14.16 36.63
C PHE B 169 -26.70 -14.07 38.16
N ASP B 170 -26.79 -12.87 38.70
CA ASP B 170 -26.88 -12.63 40.15
C ASP B 170 -27.64 -11.33 40.39
N GLN B 171 -28.59 -11.37 41.30
CA GLN B 171 -29.33 -10.17 41.70
C GLN B 171 -29.68 -10.28 43.18
N ARG B 172 -28.99 -9.50 44.00
CA ARG B 172 -29.14 -9.60 45.43
C ARG B 172 -29.07 -8.25 46.13
N GLU B 173 -29.84 -8.10 47.20
CA GLU B 173 -29.66 -7.03 48.16
C GLU B 173 -29.13 -7.66 49.44
N LEU B 174 -27.88 -7.34 49.78
CA LEU B 174 -27.22 -8.02 50.89
C LEU B 174 -26.37 -7.12 51.79
N ARG B 175 -26.21 -7.57 53.03
CA ARG B 175 -25.34 -6.97 54.04
C ARG B 175 -24.13 -7.89 54.19
N PHE B 176 -22.94 -7.36 53.94
CA PHE B 176 -21.71 -8.09 54.23
C PHE B 176 -20.58 -7.21 54.76
N GLU B 177 -19.57 -7.86 55.32
CA GLU B 177 -18.33 -7.22 55.76
C GLU B 177 -17.31 -7.24 54.61
N ILE B 178 -16.77 -6.07 54.26
CA ILE B 178 -15.63 -5.96 53.34
C ILE B 178 -14.49 -6.84 53.87
N GLY B 179 -14.02 -7.76 53.03
CA GLY B 179 -13.01 -8.76 53.43
C GLY B 179 -13.49 -10.20 53.46
N GLU B 180 -14.81 -10.39 53.50
CA GLU B 180 -15.41 -11.72 53.55
C GLU B 180 -16.27 -11.95 52.31
N GLY B 181 -16.13 -11.06 51.33
CA GLY B 181 -16.95 -11.07 50.13
C GLY B 181 -16.96 -12.35 49.30
N GLU B 182 -15.87 -13.11 49.30
CA GLU B 182 -15.86 -14.31 48.46
C GLU B 182 -16.73 -15.43 49.02
N ASN B 183 -16.96 -15.45 50.33
CA ASN B 183 -17.87 -16.41 50.97
C ASN B 183 -19.30 -16.26 50.46
N LEU B 184 -19.58 -15.11 49.86
CA LEU B 184 -20.90 -14.83 49.31
C LEU B 184 -20.85 -14.78 47.77
N ASP B 185 -19.82 -15.39 47.18
CA ASP B 185 -19.64 -15.44 45.72
C ASP B 185 -19.58 -14.05 45.08
N LEU B 186 -18.90 -13.12 45.76
CA LEU B 186 -18.65 -11.80 45.24
C LEU B 186 -17.18 -11.77 44.86
N PRO B 187 -16.86 -11.31 43.64
CA PRO B 187 -15.50 -11.33 43.14
C PRO B 187 -14.62 -10.24 43.77
N TYR B 188 -13.32 -10.47 43.85
CA TYR B 188 -12.40 -9.55 44.56
C TYR B 188 -12.49 -8.11 44.03
N GLY B 189 -12.53 -7.98 42.70
CA GLY B 189 -12.64 -6.69 42.04
C GLY B 189 -13.83 -5.86 42.44
N LEU B 190 -14.97 -6.52 42.66
CA LEU B 190 -16.20 -5.84 43.09
C LEU B 190 -16.05 -5.31 44.51
N GLU B 191 -15.44 -6.10 45.39
CA GLU B 191 -15.07 -5.62 46.73
C GLU B 191 -14.12 -4.42 46.71
N ARG B 192 -13.18 -4.38 45.77
CA ARG B 192 -12.28 -3.24 45.69
C ARG B 192 -13.01 -2.01 45.18
N ALA B 193 -13.99 -2.22 44.30
CA ALA B 193 -14.78 -1.13 43.77
C ALA B 193 -15.64 -0.49 44.87
N ILE B 194 -16.34 -1.32 45.64
CA ILE B 194 -17.17 -0.85 46.76
C ILE B 194 -16.40 0.07 47.71
N GLN B 195 -15.12 -0.24 47.93
CA GLN B 195 -14.26 0.57 48.80
C GLN B 195 -13.91 1.96 48.24
N ARG B 196 -14.31 2.19 47.00
CA ARG B 196 -14.10 3.46 46.32
C ARG B 196 -15.44 4.19 46.02
N MET B 197 -16.55 3.71 46.60
CA MET B 197 -17.88 4.29 46.40
C MET B 197 -18.34 5.03 47.67
N GLU B 198 -19.29 5.95 47.49
CA GLU B 198 -19.82 6.77 48.57
C GLU B 198 -21.25 6.35 48.89
N LYS B 199 -21.75 6.69 50.07
CA LYS B 199 -23.08 6.27 50.49
C LYS B 199 -24.13 6.86 49.54
N GLY B 200 -24.96 6.01 48.97
CA GLY B 200 -25.95 6.41 47.97
C GLY B 200 -25.52 6.29 46.51
N GLU B 201 -24.27 5.92 46.28
CA GLU B 201 -23.73 5.88 44.91
C GLU B 201 -24.30 4.76 44.05
N HIS B 202 -24.66 5.12 42.82
CA HIS B 202 -25.09 4.16 41.82
C HIS B 202 -24.07 4.16 40.70
N SER B 203 -23.39 3.02 40.52
CA SER B 203 -22.35 2.89 39.50
C SER B 203 -22.40 1.55 38.78
N ILE B 204 -21.73 1.51 37.63
CA ILE B 204 -21.51 0.27 36.94
C ILE B 204 -20.04 -0.04 37.09
N VAL B 205 -19.75 -1.33 37.21
CA VAL B 205 -18.38 -1.74 37.38
C VAL B 205 -18.06 -2.87 36.43
N TYR B 206 -17.02 -2.68 35.62
CA TYR B 206 -16.56 -3.72 34.72
C TYR B 206 -15.32 -4.44 35.28
N LEU B 207 -15.36 -5.78 35.30
CA LEU B 207 -14.22 -6.58 35.80
C LEU B 207 -13.61 -7.49 34.72
N LYS B 208 -12.29 -7.37 34.53
CA LYS B 208 -11.54 -8.37 33.77
C LYS B 208 -11.50 -9.68 34.57
N PRO B 209 -11.41 -10.84 33.86
CA PRO B 209 -11.30 -12.18 34.46
C PRO B 209 -10.38 -12.19 35.68
N SER B 210 -9.17 -11.66 35.53
CA SER B 210 -8.18 -11.59 36.61
C SER B 210 -8.67 -10.95 37.92
N TYR B 211 -9.63 -10.04 37.83
CA TYR B 211 -10.16 -9.35 39.01
C TYR B 211 -11.53 -9.90 39.40
N ALA B 212 -11.98 -10.90 38.62
CA ALA B 212 -13.24 -11.56 38.87
C ALA B 212 -13.02 -13.04 39.20
N PHE B 213 -13.67 -13.94 38.46
CA PHE B 213 -13.52 -15.38 38.74
C PHE B 213 -12.41 -16.12 37.97
N GLY B 214 -11.55 -15.36 37.27
CA GLY B 214 -10.36 -15.90 36.62
C GLY B 214 -10.54 -17.14 35.75
N SER B 215 -9.50 -17.97 35.72
CA SER B 215 -9.48 -19.17 34.87
C SER B 215 -10.36 -20.28 35.45
N VAL B 216 -10.70 -20.19 36.73
CA VAL B 216 -11.62 -21.13 37.33
C VAL B 216 -13.05 -20.87 36.86
N GLY B 217 -13.49 -19.62 36.94
CA GLY B 217 -14.87 -19.28 36.66
C GLY B 217 -15.78 -19.55 37.87
N LYS B 218 -17.08 -19.55 37.61
CA LYS B 218 -18.10 -19.74 38.65
C LYS B 218 -19.26 -20.49 38.02
N GLU B 219 -19.21 -21.81 38.11
CA GLU B 219 -20.13 -22.67 37.38
C GLU B 219 -21.59 -22.39 37.75
N LYS B 220 -21.83 -22.11 39.03
CA LYS B 220 -23.21 -21.96 39.53
C LYS B 220 -23.90 -20.68 39.10
N PHE B 221 -23.14 -19.79 38.48
CA PHE B 221 -23.66 -18.55 37.91
C PHE B 221 -23.56 -18.61 36.40
N GLN B 222 -23.11 -19.76 35.89
CA GLN B 222 -22.92 -20.01 34.45
C GLN B 222 -21.81 -19.12 33.87
N ILE B 223 -20.75 -18.91 34.65
CA ILE B 223 -19.63 -18.07 34.24
C ILE B 223 -18.44 -18.95 33.85
N PRO B 224 -18.02 -18.87 32.58
CA PRO B 224 -16.95 -19.74 32.11
C PRO B 224 -15.60 -19.20 32.57
N PRO B 225 -14.52 -19.97 32.33
CA PRO B 225 -13.18 -19.47 32.58
C PRO B 225 -12.94 -18.18 31.81
N ASN B 226 -12.06 -17.33 32.34
CA ASN B 226 -11.65 -16.10 31.67
C ASN B 226 -12.84 -15.27 31.22
N ALA B 227 -13.79 -15.01 32.13
CA ALA B 227 -14.96 -14.21 31.77
C ALA B 227 -14.83 -12.79 32.32
N GLU B 228 -15.04 -11.81 31.47
CA GLU B 228 -15.22 -10.43 31.90
C GLU B 228 -16.67 -10.21 32.37
N LEU B 229 -16.82 -9.54 33.52
CA LEU B 229 -18.13 -9.32 34.13
C LEU B 229 -18.48 -7.84 34.19
N LYS B 230 -19.77 -7.56 34.30
CA LYS B 230 -20.28 -6.20 34.44
C LYS B 230 -21.30 -6.14 35.59
N TYR B 231 -21.06 -5.26 36.56
CA TYR B 231 -21.99 -5.14 37.67
C TYR B 231 -22.62 -3.76 37.76
N GLU B 232 -23.93 -3.74 37.99
CA GLU B 232 -24.61 -2.55 38.41
C GLU B 232 -24.78 -2.65 39.93
N LEU B 233 -24.38 -1.63 40.65
CA LEU B 233 -24.47 -1.72 42.10
C LEU B 233 -24.74 -0.39 42.76
N HIS B 234 -25.50 -0.50 43.85
CA HIS B 234 -25.85 0.61 44.71
C HIS B 234 -25.20 0.38 46.06
N LEU B 235 -24.43 1.36 46.52
CA LEU B 235 -23.98 1.40 47.92
C LEU B 235 -25.01 2.13 48.77
N LYS B 236 -25.89 1.39 49.43
CA LYS B 236 -27.05 1.97 50.10
C LYS B 236 -26.72 2.66 51.42
N SER B 237 -25.81 2.05 52.19
CA SER B 237 -25.42 2.53 53.51
C SER B 237 -24.31 1.66 54.07
N PHE B 238 -23.56 2.19 55.03
CA PHE B 238 -22.47 1.43 55.62
C PHE B 238 -21.97 2.01 56.92
N GLU B 239 -21.35 1.16 57.73
CA GLU B 239 -20.68 1.58 58.95
C GLU B 239 -19.24 1.05 58.91
N LYS B 240 -18.29 1.97 58.91
CA LYS B 240 -16.87 1.64 58.81
C LYS B 240 -16.39 0.86 60.03
N ALA B 241 -15.30 0.09 59.86
CA ALA B 241 -14.72 -0.68 60.97
C ALA B 241 -14.16 0.26 62.03
S DMS C . 18.30 -13.12 -50.14
O DMS C . 19.22 -14.31 -49.13
C1 DMS C . 17.86 -13.90 -51.72
C2 DMS C . 16.66 -12.85 -49.43
S DMS D . 11.78 -11.79 -26.38
O DMS D . 10.26 -10.84 -26.46
C1 DMS D . 12.28 -12.28 -28.05
C2 DMS D . 13.15 -10.67 -25.99
S DMS E . -3.66 1.23 -14.38
O DMS E . -4.39 1.59 -15.97
C1 DMS E . -2.66 2.62 -13.75
C2 DMS E . -4.92 1.15 -13.06
S DMS F . 16.05 1.97 -45.80
O DMS F . 15.51 0.44 -45.04
C1 DMS F . 17.42 1.66 -46.94
C2 DMS F . 14.80 2.43 -47.05
S DMS G . 19.80 12.23 -27.46
O DMS G . 19.94 10.49 -27.87
C1 DMS G . 20.39 13.25 -28.84
C2 DMS G . 18.06 12.73 -27.35
S DMS H . -15.26 -1.99 29.09
O DMS H . -15.07 -0.31 29.74
C1 DMS H . -14.67 -3.21 30.31
C2 DMS H . -17.02 -2.40 28.96
S DMS I . -4.23 -1.46 15.72
O DMS I . -4.47 -2.99 14.83
C1 DMS I . -4.17 -1.88 17.48
C2 DMS I . -2.51 -0.90 15.53
S DMS J . -10.26 -6.98 50.82
O DMS J . -10.18 -6.32 52.49
C1 DMS J . -11.97 -7.16 50.28
C2 DMS J . -9.71 -5.64 49.75
S DMS K . -0.50 -7.62 -1.66
O DMS K . 0.76 -7.03 -0.53
C1 DMS K . -0.98 -6.30 -2.82
C2 DMS K . 0.23 -8.84 -2.80
#